data_3LIH
#
_entry.id   3LIH
#
_cell.length_a   99.268
_cell.length_b   109.938
_cell.length_c   65.785
_cell.angle_alpha   90.00
_cell.angle_beta   90.00
_cell.angle_gamma   90.00
#
_symmetry.space_group_name_H-M   'P 21 21 2'
#
loop_
_entity.id
_entity.type
_entity.pdbx_description
1 polymer Fructosyltransferase
2 branched alpha-D-galactopyranose-(1-6)-alpha-D-glucopyranose-(1-2)-beta-D-fructofuranose
3 water water
#
_entity_poly.entity_id   1
_entity_poly.type   'polypeptide(L)'
_entity_poly.pdbx_seq_one_letter_code
;SYHLDTTAPPPTNLSTLPNNTLFHLWRPRAHILPAEGQIGDPCAHYTDPSTGLFHVGFLHDGDGIAGATTANLATYTDTS
DNGSFLIQPGGKNDPVAVFDGAVIPVGVNNTPTLLYTSVSFLPIHWSIPYTRGSETQSLAVARDGGRRFDKLDQGPVIAD
HPFAVDVTAFRAPFVFRSARLDVLLSLDEEVARNETAVQQAVDGWTEKNAPWYVAVSGGVHGVGPAQFLYRQNGGNASEF
QYWEYLGEWWQEATNSSWGDEGTWAGRWGFNFETGNVLFLTEEGHDPQTGEVFVTLGTEGSGLPIVPQVSSIHDMLWAAG
EVGVGSEQEGAKVEFSPSMAGFLDWGFSAYAAAGKVLPASSAVSKTSGVEVDRYVSFVWLTGDQYEQADGFPTAQQGWTG
SLLLPRELKVQTVENVVDNELVREEGVSWVVGESDNQTATLRTLGITIARETKAALLANGSVTAEEDRTLQTAAVVPFAQ
SPSSKFFVLTAQLEFPASARSSPLQSGFEILASELERTAIYYQFSNESLVVDRSQTSAAAPTNPGLDSFTESGKLRLFDV
IENGQEQVETLDLTVVVDNAVVEVYANGRFALSTWARSWYDNSTQIRFFHNGEGEVQFRNVSVSEGLYNAWPER
;
_entity_poly.pdbx_strand_id   A
#
# COMPACT_ATOMS: atom_id res chain seq x y z
N SER A 1 -9.43 5.88 -40.86
CA SER A 1 -8.95 7.08 -40.11
C SER A 1 -9.81 7.26 -38.86
N TYR A 2 -9.23 6.97 -37.70
CA TYR A 2 -9.98 7.11 -36.45
C TYR A 2 -9.35 7.99 -35.38
N HIS A 3 -9.96 9.15 -35.16
CA HIS A 3 -9.51 10.09 -34.13
C HIS A 3 -10.42 9.77 -32.94
N LEU A 4 -9.89 9.91 -31.73
CA LEU A 4 -10.67 9.61 -30.54
C LEU A 4 -11.84 10.56 -30.30
N ASP A 5 -13.04 10.00 -30.21
CA ASP A 5 -14.26 10.77 -29.97
C ASP A 5 -14.95 10.19 -28.73
N THR A 6 -14.59 10.69 -27.56
CA THR A 6 -15.13 10.19 -26.30
C THR A 6 -16.57 10.63 -26.02
N THR A 7 -17.27 11.13 -27.03
CA THR A 7 -18.65 11.53 -26.86
C THR A 7 -19.46 10.54 -27.69
N ALA A 8 -18.73 9.70 -28.42
CA ALA A 8 -19.35 8.68 -29.28
C ALA A 8 -19.03 7.26 -28.79
N PRO A 9 -19.75 6.25 -29.30
CA PRO A 9 -19.50 4.86 -28.89
C PRO A 9 -18.08 4.46 -29.21
N PRO A 10 -17.43 3.73 -28.29
CA PRO A 10 -16.05 3.30 -28.51
C PRO A 10 -15.96 2.27 -29.63
N PRO A 11 -14.79 2.15 -30.25
CA PRO A 11 -14.67 1.15 -31.32
C PRO A 11 -14.85 -0.20 -30.65
N THR A 12 -15.12 -1.25 -31.42
CA THR A 12 -15.32 -2.56 -30.81
C THR A 12 -13.99 -3.10 -30.28
N ASN A 13 -12.92 -2.94 -31.06
CA ASN A 13 -11.62 -3.44 -30.62
C ASN A 13 -10.62 -2.31 -30.44
N LEU A 14 -10.42 -1.93 -29.19
CA LEU A 14 -9.51 -0.86 -28.83
C LEU A 14 -8.07 -1.12 -29.27
N SER A 15 -7.64 -2.37 -29.24
CA SER A 15 -6.27 -2.69 -29.62
C SER A 15 -5.95 -2.45 -31.10
N THR A 16 -6.94 -2.03 -31.88
CA THR A 16 -6.74 -1.77 -33.31
C THR A 16 -6.36 -0.31 -33.54
N LEU A 17 -6.45 0.51 -32.49
CA LEU A 17 -6.15 1.93 -32.60
C LEU A 17 -4.66 2.23 -32.65
N PRO A 18 -4.29 3.42 -33.14
CA PRO A 18 -2.90 3.87 -33.25
C PRO A 18 -2.26 4.06 -31.87
N ASN A 19 -0.97 3.75 -31.78
CA ASN A 19 -0.26 3.90 -30.51
C ASN A 19 -0.54 5.27 -29.91
N ASN A 20 -0.60 5.31 -28.58
CA ASN A 20 -0.82 6.55 -27.83
C ASN A 20 -2.20 7.21 -27.98
N THR A 21 -3.08 6.64 -28.79
CA THR A 21 -4.40 7.24 -29.00
C THR A 21 -5.19 7.38 -27.69
N LEU A 22 -4.93 6.48 -26.74
CA LEU A 22 -5.65 6.47 -25.47
C LEU A 22 -4.88 7.08 -24.31
N PHE A 23 -3.79 7.78 -24.60
CA PHE A 23 -2.94 8.36 -23.56
C PHE A 23 -3.60 9.16 -22.44
N HIS A 24 -4.56 10.03 -22.77
CA HIS A 24 -5.19 10.84 -21.73
C HIS A 24 -6.52 10.34 -21.20
N LEU A 25 -7.15 9.43 -21.94
CA LEU A 25 -8.46 8.90 -21.57
C LEU A 25 -8.67 8.53 -20.10
N TRP A 26 -7.76 7.75 -19.53
CA TRP A 26 -7.91 7.32 -18.15
C TRP A 26 -6.82 7.82 -17.22
N ARG A 27 -5.85 8.54 -17.77
CA ARG A 27 -4.71 9.04 -17.01
C ARG A 27 -5.04 10.00 -15.87
N PRO A 28 -4.46 9.76 -14.68
CA PRO A 28 -4.72 10.64 -13.51
C PRO A 28 -3.86 11.89 -13.58
N ARG A 29 -4.21 12.91 -12.79
CA ARG A 29 -3.43 14.15 -12.76
C ARG A 29 -2.78 14.40 -11.41
N ALA A 30 -3.28 13.74 -10.38
CA ALA A 30 -2.76 13.95 -9.04
C ALA A 30 -1.99 12.76 -8.49
N HIS A 31 -1.67 11.77 -9.33
CA HIS A 31 -0.96 10.60 -8.86
C HIS A 31 0.48 10.48 -9.37
N ILE A 32 1.26 9.66 -8.66
CA ILE A 32 2.63 9.41 -9.01
C ILE A 32 2.76 8.29 -10.06
N LEU A 33 3.25 8.66 -11.23
CA LEU A 33 3.51 7.73 -12.33
C LEU A 33 4.49 8.40 -13.29
N PRO A 34 5.26 7.61 -14.04
CA PRO A 34 6.21 8.23 -14.97
C PRO A 34 5.53 9.07 -16.05
N ALA A 35 6.33 9.79 -16.83
CA ALA A 35 5.77 10.63 -17.90
C ALA A 35 5.06 9.76 -18.92
N GLU A 36 5.60 8.55 -19.13
CA GLU A 36 5.01 7.58 -20.05
C GLU A 36 5.55 6.21 -19.67
N GLY A 37 5.11 5.18 -20.37
CA GLY A 37 5.61 3.84 -20.06
C GLY A 37 5.00 3.22 -18.81
N GLN A 38 5.56 2.10 -18.39
CA GLN A 38 5.00 1.41 -17.24
C GLN A 38 5.70 1.60 -15.92
N ILE A 39 4.91 1.58 -14.85
CA ILE A 39 5.46 1.72 -13.52
C ILE A 39 5.25 0.44 -12.74
N GLY A 40 6.31 -0.03 -12.09
CA GLY A 40 6.21 -1.22 -11.29
C GLY A 40 6.31 -0.84 -9.82
N ASP A 41 6.92 -1.72 -9.04
CA ASP A 41 7.10 -1.54 -7.62
C ASP A 41 7.69 -0.21 -7.19
N PRO A 42 7.04 0.42 -6.22
CA PRO A 42 7.58 1.61 -5.55
C PRO A 42 8.64 1.19 -4.54
N CYS A 43 9.80 1.81 -4.62
CA CYS A 43 10.95 1.42 -3.80
C CYS A 43 11.95 2.57 -3.68
N ALA A 44 12.84 2.49 -2.76
CA ALA A 44 13.97 3.39 -2.59
C ALA A 44 13.65 4.82 -2.15
N HIS A 45 12.62 5.00 -1.33
CA HIS A 45 12.30 6.34 -0.86
C HIS A 45 13.25 6.72 0.27
N TYR A 46 13.47 8.02 0.44
CA TYR A 46 14.35 8.52 1.50
C TYR A 46 14.36 10.04 1.55
N THR A 47 14.57 10.57 2.76
CA THR A 47 14.66 12.00 2.94
C THR A 47 16.14 12.32 2.79
N ASP A 48 16.50 13.18 1.85
CA ASP A 48 17.90 13.54 1.65
C ASP A 48 18.28 14.42 2.85
N PRO A 49 19.21 13.95 3.69
CA PRO A 49 19.68 14.67 4.87
C PRO A 49 20.15 16.08 4.54
N SER A 50 20.84 16.19 3.41
CA SER A 50 21.38 17.46 2.94
C SER A 50 20.34 18.51 2.62
N THR A 51 19.36 18.16 1.77
CA THR A 51 18.33 19.11 1.34
C THR A 51 16.98 19.00 2.04
N GLY A 52 16.78 17.92 2.78
CA GLY A 52 15.51 17.75 3.46
C GLY A 52 14.40 17.38 2.47
N LEU A 53 14.74 17.26 1.20
CA LEU A 53 13.76 16.91 0.17
C LEU A 53 13.42 15.42 0.30
N PHE A 54 12.18 15.07 -0.05
CA PHE A 54 11.80 13.67 0.02
C PHE A 54 11.88 13.05 -1.36
N HIS A 55 12.67 11.99 -1.47
CA HIS A 55 12.86 11.30 -2.72
C HIS A 55 11.92 10.09 -2.86
N VAL A 56 11.36 9.95 -4.06
CA VAL A 56 10.47 8.84 -4.33
C VAL A 56 11.07 8.02 -5.46
N GLY A 57 10.93 6.70 -5.34
CA GLY A 57 11.47 5.83 -6.37
C GLY A 57 10.45 4.79 -6.77
N PHE A 58 10.71 4.14 -7.91
CA PHE A 58 9.84 3.09 -8.42
C PHE A 58 10.45 2.44 -9.65
N LEU A 59 10.20 1.14 -9.80
CA LEU A 59 10.69 0.41 -10.95
C LEU A 59 9.96 0.99 -12.16
N HIS A 60 10.64 1.01 -13.30
CA HIS A 60 10.08 1.59 -14.51
C HIS A 60 10.49 0.78 -15.73
N ASP A 61 9.48 0.40 -16.51
CA ASP A 61 9.66 -0.38 -17.74
C ASP A 61 10.47 -1.66 -17.55
N GLY A 62 10.40 -2.24 -16.35
CA GLY A 62 11.14 -3.47 -16.09
C GLY A 62 12.61 -3.29 -16.39
N ASP A 63 13.07 -2.04 -16.33
CA ASP A 63 14.45 -1.74 -16.63
C ASP A 63 15.16 -0.92 -15.55
N GLY A 64 14.77 -1.10 -14.30
CA GLY A 64 15.42 -0.36 -13.24
C GLY A 64 14.57 0.60 -12.44
N ILE A 65 15.22 1.26 -11.48
CA ILE A 65 14.59 2.21 -10.58
C ILE A 65 14.67 3.64 -11.11
N ALA A 66 13.51 4.28 -11.22
CA ALA A 66 13.46 5.69 -11.67
C ALA A 66 13.08 6.49 -10.43
N GLY A 67 13.22 7.81 -10.47
CA GLY A 67 12.86 8.59 -9.29
C GLY A 67 12.35 10.00 -9.49
N ALA A 68 11.89 10.58 -8.39
CA ALA A 68 11.38 11.94 -8.39
C ALA A 68 11.56 12.48 -7.00
N THR A 69 11.47 13.80 -6.85
CA THR A 69 11.62 14.44 -5.55
C THR A 69 10.44 15.35 -5.25
N THR A 70 10.24 15.64 -3.97
CA THR A 70 9.17 16.52 -3.56
C THR A 70 9.60 17.30 -2.32
N ALA A 71 9.08 18.52 -2.19
CA ALA A 71 9.39 19.40 -1.06
C ALA A 71 8.18 19.58 -0.17
N ASN A 72 7.01 19.34 -0.74
CA ASN A 72 5.75 19.52 -0.03
C ASN A 72 4.94 18.23 0.12
N LEU A 73 5.33 17.16 -0.45
CA LEU A 73 4.57 15.92 -0.54
C LEU A 73 3.22 16.25 -1.19
N ALA A 74 3.23 17.05 -2.25
CA ALA A 74 2.03 17.32 -3.03
C ALA A 74 2.37 17.37 -4.51
N THR A 75 3.45 18.10 -4.82
CA THR A 75 3.96 18.21 -6.19
C THR A 75 5.29 17.49 -6.34
N TYR A 76 5.54 16.98 -7.54
CA TYR A 76 6.77 16.23 -7.78
C TYR A 76 7.50 16.70 -9.02
N THR A 77 8.81 16.48 -9.02
CA THR A 77 9.68 16.83 -10.12
C THR A 77 10.50 15.61 -10.46
N ASP A 78 10.59 15.28 -11.75
CA ASP A 78 11.37 14.13 -12.18
C ASP A 78 12.85 14.43 -11.95
N THR A 79 13.62 13.42 -11.58
CA THR A 79 15.04 13.63 -11.36
C THR A 79 15.73 13.97 -12.68
N SER A 80 15.31 13.35 -13.76
CA SER A 80 15.89 13.63 -15.07
C SER A 80 14.88 13.23 -16.13
N ASP A 81 15.45 13.25 -17.34
CA ASP A 81 14.61 13.02 -18.51
C ASP A 81 15.03 11.72 -19.18
N ASN A 82 14.18 11.36 -20.19
CA ASN A 82 14.46 10.09 -20.83
C ASN A 82 14.26 8.91 -19.86
N GLY A 83 13.16 8.91 -19.15
CA GLY A 83 12.88 7.83 -18.22
C GLY A 83 13.08 8.20 -16.76
N SER A 84 13.98 9.15 -16.50
CA SER A 84 14.24 9.61 -15.13
C SER A 84 14.86 8.50 -14.29
N PHE A 85 15.60 7.60 -14.95
CA PHE A 85 16.22 6.48 -14.25
C PHE A 85 17.34 6.85 -13.27
N LEU A 86 17.42 6.09 -12.18
CA LEU A 86 18.44 6.28 -11.16
C LEU A 86 19.51 5.19 -11.27
N ILE A 87 19.08 3.99 -11.65
CA ILE A 87 20.00 2.87 -11.79
C ILE A 87 19.32 1.79 -12.63
N GLN A 88 20.09 1.16 -13.51
CA GLN A 88 19.57 0.14 -14.41
C GLN A 88 20.47 -1.10 -14.50
N PRO A 89 19.94 -2.21 -15.02
CA PRO A 89 20.76 -3.43 -15.12
C PRO A 89 21.92 -3.27 -16.10
N GLY A 90 22.80 -4.25 -16.13
CA GLY A 90 23.93 -4.19 -17.02
C GLY A 90 25.26 -4.24 -16.28
N GLY A 91 25.21 -4.16 -14.95
CA GLY A 91 26.44 -4.23 -14.17
C GLY A 91 26.88 -5.68 -14.05
N LYS A 92 27.95 -5.92 -13.31
CA LYS A 92 28.44 -7.28 -13.13
C LYS A 92 27.55 -8.02 -12.13
N ASN A 93 26.99 -7.28 -11.17
CA ASN A 93 26.12 -7.89 -10.17
C ASN A 93 24.67 -8.03 -10.63
N ASP A 94 24.41 -7.08 -11.67
CA ASP A 94 23.05 -6.98 -12.19
C ASP A 94 22.98 -6.97 -13.71
N PRO A 95 23.44 -8.22 -14.21
CA PRO A 95 23.41 -8.33 -15.67
C PRO A 95 22.03 -8.47 -16.29
N VAL A 96 21.11 -9.08 -15.56
CA VAL A 96 19.78 -9.29 -16.11
C VAL A 96 18.74 -8.28 -15.66
N ALA A 97 18.73 -7.94 -14.37
CA ALA A 97 17.73 -6.99 -13.89
C ALA A 97 18.04 -6.31 -12.56
N VAL A 98 17.31 -5.22 -12.32
CA VAL A 98 17.41 -4.47 -11.08
C VAL A 98 16.03 -4.46 -10.42
N PHE A 99 15.90 -5.15 -9.29
CA PHE A 99 14.63 -5.21 -8.57
C PHE A 99 14.61 -4.19 -7.42
N ASP A 100 13.56 -4.23 -6.60
CA ASP A 100 13.39 -3.29 -5.49
C ASP A 100 14.62 -3.13 -4.58
N GLY A 101 14.67 -2.01 -3.87
CA GLY A 101 15.74 -1.72 -2.94
C GLY A 101 15.30 -0.65 -1.97
N ALA A 102 16.14 -0.35 -0.97
CA ALA A 102 15.84 0.65 0.04
C ALA A 102 17.08 1.51 0.29
N VAL A 103 16.86 2.71 0.81
CA VAL A 103 17.96 3.64 1.04
C VAL A 103 18.28 4.04 2.47
N ILE A 104 19.58 4.05 2.77
CA ILE A 104 20.06 4.48 4.07
C ILE A 104 20.51 5.90 3.76
N PRO A 105 19.87 6.91 4.39
CA PRO A 105 20.23 8.31 4.13
C PRO A 105 21.73 8.61 4.29
N VAL A 106 22.29 8.20 5.42
CA VAL A 106 23.70 8.42 5.69
C VAL A 106 24.41 7.06 5.73
N GLY A 107 24.94 6.68 4.45
CA GLY A 107 25.60 5.40 4.36
C GLY A 107 27.05 5.53 3.95
N VAL A 108 27.40 4.91 2.95
CA VAL A 108 28.76 4.95 2.44
C VAL A 108 29.10 6.40 2.09
N ASN A 109 30.34 6.80 2.41
CA ASN A 109 30.78 8.17 2.17
C ASN A 109 29.78 9.15 2.76
N ASN A 110 29.01 8.69 3.74
CA ASN A 110 27.99 9.48 4.41
C ASN A 110 26.95 10.03 3.45
N THR A 111 26.71 9.32 2.35
CA THR A 111 25.72 9.77 1.37
C THR A 111 24.62 8.72 1.24
N PRO A 112 23.44 9.14 0.74
CA PRO A 112 22.34 8.19 0.59
C PRO A 112 22.84 6.94 -0.13
N THR A 113 22.62 5.78 0.49
CA THR A 113 23.09 4.52 -0.08
C THR A 113 21.95 3.53 -0.31
N LEU A 114 21.85 3.04 -1.55
CA LEU A 114 20.82 2.08 -1.93
C LEU A 114 21.28 0.63 -1.83
N LEU A 115 20.50 -0.18 -1.12
CA LEU A 115 20.77 -1.61 -0.98
C LEU A 115 19.64 -2.19 -1.84
N TYR A 116 19.99 -2.89 -2.92
CA TYR A 116 18.97 -3.42 -3.82
C TYR A 116 19.19 -4.82 -4.32
N THR A 117 18.13 -5.42 -4.82
CA THR A 117 18.26 -6.76 -5.34
C THR A 117 18.82 -6.72 -6.75
N SER A 118 20.03 -7.23 -6.89
CA SER A 118 20.69 -7.30 -8.19
C SER A 118 20.31 -8.68 -8.74
N VAL A 119 19.89 -8.71 -10.00
CA VAL A 119 19.43 -9.94 -10.62
C VAL A 119 20.34 -10.48 -11.73
N SER A 120 20.63 -11.77 -11.67
CA SER A 120 21.49 -12.39 -12.66
C SER A 120 20.84 -13.51 -13.47
N PHE A 121 19.62 -13.90 -13.11
CA PHE A 121 18.93 -14.97 -13.81
C PHE A 121 17.41 -14.84 -13.71
N LEU A 122 16.74 -15.22 -14.80
CA LEU A 122 15.29 -15.20 -14.88
C LEU A 122 14.93 -16.49 -15.61
N PRO A 123 13.70 -16.99 -15.43
CA PRO A 123 12.66 -16.37 -14.60
C PRO A 123 12.85 -16.69 -13.12
N ILE A 124 12.09 -15.99 -12.28
CA ILE A 124 12.13 -16.19 -10.83
C ILE A 124 10.69 -16.20 -10.34
N HIS A 125 10.25 -17.29 -9.73
CA HIS A 125 8.90 -17.37 -9.22
C HIS A 125 8.81 -18.44 -8.16
N TRP A 126 7.93 -18.25 -7.18
CA TRP A 126 7.81 -19.23 -6.12
C TRP A 126 7.36 -20.60 -6.60
N SER A 127 6.62 -20.66 -7.70
CA SER A 127 6.11 -21.94 -8.22
C SER A 127 7.09 -22.80 -9.00
N ILE A 128 8.26 -22.25 -9.32
CA ILE A 128 9.25 -23.01 -10.08
C ILE A 128 10.58 -23.08 -9.34
N PRO A 129 11.47 -24.01 -9.75
CA PRO A 129 12.78 -24.15 -9.10
C PRO A 129 13.55 -22.83 -9.14
N TYR A 130 14.24 -22.54 -8.03
CA TYR A 130 15.02 -21.32 -7.92
C TYR A 130 16.42 -21.55 -8.46
N THR A 131 16.86 -20.65 -9.34
CA THR A 131 18.22 -20.76 -9.89
C THR A 131 19.18 -20.09 -8.91
N ARG A 132 20.16 -20.83 -8.42
CA ARG A 132 21.14 -20.30 -7.46
C ARG A 132 21.78 -19.01 -7.99
N GLY A 133 21.89 -18.00 -7.12
CA GLY A 133 22.49 -16.74 -7.51
C GLY A 133 21.58 -15.81 -8.30
N SER A 134 20.29 -16.15 -8.39
CA SER A 134 19.33 -15.33 -9.12
C SER A 134 19.22 -13.91 -8.58
N GLU A 135 19.12 -13.80 -7.25
CA GLU A 135 18.98 -12.51 -6.61
C GLU A 135 20.00 -12.30 -5.51
N THR A 136 20.79 -11.24 -5.63
CA THR A 136 21.78 -10.90 -4.61
C THR A 136 21.50 -9.46 -4.18
N GLN A 137 22.06 -9.03 -3.06
CA GLN A 137 21.82 -7.66 -2.64
C GLN A 137 23.09 -6.83 -2.83
N SER A 138 23.00 -5.75 -3.59
CA SER A 138 24.15 -4.89 -3.86
C SER A 138 23.98 -3.45 -3.39
N LEU A 139 25.10 -2.73 -3.39
CA LEU A 139 25.10 -1.33 -2.97
C LEU A 139 25.37 -0.37 -4.13
N ALA A 140 24.84 0.83 -3.99
CA ALA A 140 25.01 1.89 -4.95
C ALA A 140 24.93 3.18 -4.14
N VAL A 141 25.66 4.20 -4.55
CA VAL A 141 25.65 5.46 -3.83
C VAL A 141 25.04 6.58 -4.66
N ALA A 142 24.34 7.48 -4.00
CA ALA A 142 23.69 8.60 -4.66
C ALA A 142 24.67 9.69 -5.12
N ARG A 143 24.51 10.13 -6.36
CA ARG A 143 25.36 11.17 -6.94
C ARG A 143 24.47 12.27 -7.50
N ASP A 144 25.06 13.44 -7.73
CA ASP A 144 24.35 14.57 -8.30
C ASP A 144 22.96 14.76 -7.68
N GLY A 145 22.93 14.91 -6.35
CA GLY A 145 21.69 15.12 -5.63
C GLY A 145 20.68 13.99 -5.65
N GLY A 146 21.15 12.76 -5.81
CA GLY A 146 20.23 11.64 -5.84
C GLY A 146 19.64 11.43 -7.22
N ARG A 147 20.07 12.23 -8.19
CA ARG A 147 19.58 12.12 -9.57
C ARG A 147 20.09 10.86 -10.25
N ARG A 148 20.92 10.10 -9.54
CA ARG A 148 21.47 8.88 -10.10
C ARG A 148 22.13 8.11 -8.99
N PHE A 149 22.18 6.79 -9.11
CA PHE A 149 22.83 5.95 -8.10
C PHE A 149 23.92 5.11 -8.78
N ASP A 150 25.16 5.33 -8.37
CA ASP A 150 26.28 4.59 -8.93
C ASP A 150 26.53 3.34 -8.11
N LYS A 151 26.60 2.21 -8.81
CA LYS A 151 26.86 0.93 -8.16
C LYS A 151 28.28 0.93 -7.62
N LEU A 152 28.47 0.48 -6.38
CA LEU A 152 29.82 0.39 -5.84
C LEU A 152 30.57 -0.63 -6.68
N ASP A 153 31.84 -0.39 -6.97
CA ASP A 153 32.59 -1.31 -7.80
C ASP A 153 33.10 -2.58 -7.08
N GLN A 154 32.16 -3.44 -6.71
CA GLN A 154 32.45 -4.69 -6.02
C GLN A 154 31.23 -5.59 -6.15
N GLY A 155 31.35 -6.82 -5.70
CA GLY A 155 30.22 -7.74 -5.78
C GLY A 155 29.15 -7.40 -4.77
N PRO A 156 28.05 -8.17 -4.71
CA PRO A 156 26.96 -7.92 -3.76
C PRO A 156 27.46 -8.04 -2.30
N VAL A 157 26.88 -7.27 -1.39
CA VAL A 157 27.31 -7.35 0.01
C VAL A 157 26.63 -8.53 0.73
N ILE A 158 25.57 -9.05 0.13
CA ILE A 158 24.88 -10.24 0.65
C ILE A 158 24.81 -10.99 -0.66
N ALA A 159 25.84 -11.81 -0.91
CA ALA A 159 25.96 -12.56 -2.16
C ALA A 159 25.22 -13.86 -2.34
N ASP A 160 24.41 -14.24 -1.39
CA ASP A 160 23.69 -15.49 -1.50
C ASP A 160 22.60 -15.54 -0.45
N HIS A 161 21.59 -16.38 -0.69
CA HIS A 161 20.50 -16.50 0.26
C HIS A 161 21.07 -17.38 1.37
N PRO A 162 20.34 -17.52 2.49
CA PRO A 162 20.80 -18.35 3.61
C PRO A 162 21.29 -19.73 3.17
N PHE A 163 22.41 -20.15 3.74
CA PHE A 163 23.04 -21.42 3.42
C PHE A 163 22.14 -22.64 3.37
N ALA A 164 22.16 -23.29 2.21
CA ALA A 164 21.39 -24.50 1.96
C ALA A 164 19.89 -24.37 2.12
N VAL A 165 19.36 -23.15 2.19
CA VAL A 165 17.92 -22.99 2.31
C VAL A 165 17.36 -22.87 0.90
N ASP A 166 16.38 -23.72 0.58
CA ASP A 166 15.77 -23.71 -0.75
C ASP A 166 14.70 -22.62 -0.86
N VAL A 167 15.14 -21.37 -0.88
CA VAL A 167 14.25 -20.21 -0.96
C VAL A 167 13.40 -20.15 -2.22
N THR A 168 12.20 -19.61 -2.08
CA THR A 168 11.30 -19.45 -3.21
C THR A 168 11.60 -18.09 -3.82
N ALA A 169 12.25 -17.22 -3.18
CA ALA A 169 12.60 -15.87 -3.59
C ALA A 169 13.48 -15.22 -2.53
N PHE A 170 14.20 -14.29 -2.89
CA PHE A 170 15.15 -13.63 -2.00
C PHE A 170 15.37 -12.18 -2.48
N ARG A 171 14.52 -11.31 -2.17
CA ARG A 171 14.63 -9.96 -2.71
C ARG A 171 13.87 -8.83 -1.98
N ALA A 172 14.05 -7.62 -2.51
CA ALA A 172 13.42 -6.40 -1.98
C ALA A 172 13.86 -6.04 -0.57
N PRO A 173 15.18 -5.89 -0.37
CA PRO A 173 15.67 -5.54 0.96
C PRO A 173 15.12 -4.19 1.42
N PHE A 174 14.66 -4.15 2.67
CA PHE A 174 14.10 -2.94 3.26
C PHE A 174 14.89 -2.70 4.56
N VAL A 175 15.46 -1.49 4.70
CA VAL A 175 16.25 -1.16 5.87
C VAL A 175 15.49 -0.36 6.91
N PHE A 176 15.81 -0.64 8.17
CA PHE A 176 15.16 0.04 9.29
C PHE A 176 15.99 -0.06 10.57
N ARG A 177 15.70 0.82 11.52
CA ARG A 177 16.38 0.82 12.81
C ARG A 177 15.33 0.46 13.84
N SER A 178 15.76 -0.15 14.95
CA SER A 178 14.84 -0.55 15.99
C SER A 178 15.49 -0.60 17.36
N ALA A 179 14.90 0.14 18.30
CA ALA A 179 15.42 0.17 19.65
C ALA A 179 15.24 -1.21 20.26
N ARG A 180 14.02 -1.76 20.14
CA ARG A 180 13.73 -3.07 20.71
C ARG A 180 14.61 -4.19 20.17
N LEU A 181 14.94 -4.15 18.89
CA LEU A 181 15.78 -5.20 18.32
C LEU A 181 17.20 -5.11 18.86
N ASP A 182 17.73 -3.90 18.93
CA ASP A 182 19.08 -3.70 19.44
C ASP A 182 19.16 -4.20 20.87
N VAL A 183 18.11 -3.95 21.65
CA VAL A 183 18.07 -4.36 23.04
C VAL A 183 18.03 -5.88 23.13
N LEU A 184 17.02 -6.48 22.50
CA LEU A 184 16.86 -7.92 22.52
C LEU A 184 18.13 -8.66 22.10
N LEU A 185 18.91 -8.05 21.21
CA LEU A 185 20.14 -8.67 20.72
C LEU A 185 21.33 -8.33 21.61
N SER A 186 21.24 -7.20 22.31
CA SER A 186 22.30 -6.76 23.18
C SER A 186 22.25 -7.48 24.53
N LEU A 187 21.05 -7.67 25.05
CA LEU A 187 20.86 -8.34 26.33
C LEU A 187 21.14 -9.83 26.28
N ASP A 188 21.22 -10.44 27.47
CA ASP A 188 21.46 -11.87 27.60
C ASP A 188 20.18 -12.57 27.13
N GLU A 189 20.27 -13.84 26.75
CA GLU A 189 19.07 -14.58 26.31
C GLU A 189 18.10 -14.95 27.46
N GLU A 190 18.57 -14.72 28.68
CA GLU A 190 17.88 -15.01 29.93
C GLU A 190 17.35 -13.71 30.54
N VAL A 191 18.13 -12.57 30.37
CA VAL A 191 17.82 -11.26 30.94
C VAL A 191 16.94 -10.46 29.98
N ALA A 192 16.87 -10.82 28.77
CA ALA A 192 16.04 -10.25 27.71
C ALA A 192 14.70 -10.97 27.61
N ARG A 193 14.34 -11.70 28.66
CA ARG A 193 13.07 -12.41 28.70
C ARG A 193 12.03 -11.61 29.46
N ASN A 194 12.48 -10.77 30.40
CA ASN A 194 11.57 -9.94 31.19
C ASN A 194 11.56 -8.52 30.61
N GLU A 195 10.36 -8.03 30.29
CA GLU A 195 10.17 -6.71 29.71
C GLU A 195 10.65 -5.58 30.62
N THR A 196 10.77 -5.87 31.91
CA THR A 196 11.22 -4.88 32.89
C THR A 196 12.61 -4.38 32.54
N ALA A 197 13.54 -5.30 32.32
CA ALA A 197 14.91 -4.94 31.98
C ALA A 197 14.94 -4.28 30.60
N VAL A 198 14.30 -4.92 29.63
CA VAL A 198 14.24 -4.42 28.26
C VAL A 198 13.79 -2.96 28.18
N GLN A 199 12.54 -2.71 28.54
CA GLN A 199 11.97 -1.36 28.50
C GLN A 199 12.96 -0.32 29.01
N GLN A 200 13.68 -0.65 30.08
CA GLN A 200 14.64 0.28 30.66
C GLN A 200 15.78 0.63 29.71
N ALA A 201 16.29 -0.37 29.00
CA ALA A 201 17.37 -0.14 28.04
C ALA A 201 16.83 0.64 26.85
N VAL A 202 15.63 0.27 26.44
CA VAL A 202 14.94 0.90 25.33
C VAL A 202 14.91 2.42 25.50
N ASP A 203 14.84 2.87 26.74
CA ASP A 203 14.78 4.30 27.02
C ASP A 203 16.11 5.02 26.78
N GLY A 204 17.22 4.32 26.94
CA GLY A 204 18.51 4.93 26.73
C GLY A 204 18.95 4.90 25.28
N TRP A 205 18.23 4.12 24.48
CA TRP A 205 18.52 3.95 23.06
C TRP A 205 18.72 5.27 22.32
N THR A 206 19.69 5.29 21.41
CA THR A 206 19.99 6.48 20.61
C THR A 206 19.96 6.18 19.11
N GLU A 207 18.93 6.68 18.46
CA GLU A 207 18.68 6.51 17.03
C GLU A 207 19.86 6.80 16.09
N LYS A 208 20.74 7.70 16.49
CA LYS A 208 21.88 8.10 15.65
C LYS A 208 22.97 7.08 15.35
N ASN A 209 23.33 6.24 16.31
CA ASN A 209 24.39 5.26 16.09
C ASN A 209 23.88 3.84 16.12
N ALA A 210 22.56 3.70 15.99
CA ALA A 210 21.94 2.38 15.98
C ALA A 210 22.26 1.69 14.66
N PRO A 211 22.42 0.36 14.69
CA PRO A 211 22.73 -0.43 13.50
C PRO A 211 21.49 -0.64 12.62
N TRP A 212 21.69 -0.70 11.32
CA TRP A 212 20.58 -0.90 10.40
C TRP A 212 20.22 -2.37 10.23
N TYR A 213 18.93 -2.69 10.27
CA TYR A 213 18.46 -4.05 10.07
C TYR A 213 18.04 -4.15 8.62
N VAL A 214 17.99 -5.35 8.08
CA VAL A 214 17.55 -5.54 6.70
C VAL A 214 16.62 -6.73 6.62
N ALA A 215 15.41 -6.49 6.15
CA ALA A 215 14.45 -7.56 6.01
C ALA A 215 14.38 -7.86 4.50
N VAL A 216 14.58 -9.12 4.14
CA VAL A 216 14.52 -9.53 2.75
C VAL A 216 13.31 -10.45 2.65
N SER A 217 12.51 -10.27 1.61
CA SER A 217 11.30 -11.06 1.45
C SER A 217 11.42 -12.30 0.56
N GLY A 218 10.59 -13.29 0.85
CA GLY A 218 10.59 -14.51 0.08
C GLY A 218 9.89 -15.66 0.79
N GLY A 219 10.51 -16.84 0.72
CA GLY A 219 9.97 -18.03 1.33
C GLY A 219 10.92 -19.23 1.18
N VAL A 220 10.38 -20.41 1.46
CA VAL A 220 11.16 -21.64 1.38
C VAL A 220 10.30 -22.74 0.76
N HIS A 221 10.75 -23.28 -0.36
CA HIS A 221 10.02 -24.35 -1.05
C HIS A 221 9.60 -25.45 -0.08
N GLY A 222 8.33 -25.84 -0.20
CA GLY A 222 7.79 -26.90 0.65
C GLY A 222 7.64 -26.58 2.12
N VAL A 223 7.89 -25.36 2.56
CA VAL A 223 7.89 -25.16 4.00
C VAL A 223 7.04 -23.97 4.32
N GLY A 224 7.54 -22.84 3.86
CA GLY A 224 6.82 -21.56 3.97
C GLY A 224 7.48 -20.20 3.61
N PRO A 225 6.64 -19.18 3.34
CA PRO A 225 6.97 -17.77 3.07
C PRO A 225 7.52 -17.14 4.34
N ALA A 226 8.30 -16.26 4.09
CA ALA A 226 9.03 -15.76 5.24
C ALA A 226 9.82 -14.52 4.92
N GLN A 227 10.31 -13.87 5.97
CA GLN A 227 11.15 -12.70 5.83
C GLN A 227 12.49 -13.03 6.46
N PHE A 228 13.55 -12.75 5.72
CA PHE A 228 14.91 -13.01 6.18
C PHE A 228 15.44 -11.74 6.79
N LEU A 229 15.99 -11.85 7.99
CA LEU A 229 16.51 -10.68 8.71
C LEU A 229 18.03 -10.65 8.83
N TYR A 230 18.60 -9.49 8.53
CA TYR A 230 20.04 -9.26 8.63
C TYR A 230 20.23 -7.91 9.32
N ARG A 231 21.43 -7.67 9.84
CA ARG A 231 21.74 -6.39 10.43
C ARG A 231 23.24 -6.18 10.27
N GLN A 232 23.67 -4.92 10.27
CA GLN A 232 25.09 -4.64 10.12
C GLN A 232 25.83 -5.59 11.06
N ASN A 233 26.91 -6.18 10.57
CA ASN A 233 27.66 -7.13 11.37
C ASN A 233 28.09 -6.61 12.73
N GLY A 234 27.75 -7.38 13.77
CA GLY A 234 28.11 -7.02 15.12
C GLY A 234 27.45 -5.75 15.62
N GLY A 235 26.36 -5.34 14.97
CA GLY A 235 25.66 -4.13 15.38
C GLY A 235 26.50 -2.88 15.19
N ASN A 236 27.46 -2.94 14.28
CA ASN A 236 28.31 -1.79 14.02
C ASN A 236 27.61 -0.90 12.98
N ALA A 237 27.20 0.29 13.42
CA ALA A 237 26.50 1.22 12.53
C ALA A 237 27.35 1.69 11.37
N SER A 238 28.64 1.39 11.40
CA SER A 238 29.53 1.81 10.33
C SER A 238 29.98 0.68 9.43
N GLU A 239 29.41 -0.49 9.64
CA GLU A 239 29.74 -1.68 8.85
C GLU A 239 28.73 -1.80 7.71
N PHE A 240 29.17 -1.58 6.49
CA PHE A 240 28.27 -1.66 5.34
C PHE A 240 28.60 -2.81 4.38
N GLN A 241 29.70 -3.50 4.66
CA GLN A 241 30.14 -4.60 3.82
C GLN A 241 29.50 -5.92 4.24
N TYR A 242 29.58 -6.22 5.52
CA TYR A 242 29.03 -7.47 6.02
C TYR A 242 27.77 -7.34 6.86
N TRP A 243 26.80 -8.19 6.56
CA TRP A 243 25.53 -8.19 7.25
C TRP A 243 25.27 -9.56 7.86
N GLU A 244 25.21 -9.62 9.18
CA GLU A 244 24.98 -10.90 9.82
C GLU A 244 23.52 -11.34 9.72
N TYR A 245 23.34 -12.60 9.34
CA TYR A 245 22.02 -13.18 9.18
C TYR A 245 21.43 -13.53 10.55
N LEU A 246 20.30 -12.92 10.88
CA LEU A 246 19.64 -13.16 12.16
C LEU A 246 18.62 -14.30 12.06
N GLY A 247 18.38 -14.78 10.85
CA GLY A 247 17.42 -15.85 10.66
C GLY A 247 16.08 -15.40 10.10
N GLU A 248 15.16 -16.35 9.97
CA GLU A 248 13.83 -16.07 9.48
C GLU A 248 12.98 -15.56 10.64
N TRP A 249 13.13 -14.28 10.96
CA TRP A 249 12.42 -13.70 12.08
C TRP A 249 10.90 -13.83 11.99
N TRP A 250 10.41 -14.15 10.79
CA TRP A 250 8.98 -14.35 10.59
C TRP A 250 8.73 -15.31 9.45
N GLN A 251 7.97 -16.37 9.73
CA GLN A 251 7.64 -17.35 8.71
C GLN A 251 6.26 -17.92 9.03
N GLU A 252 5.56 -18.35 7.99
CA GLU A 252 4.23 -18.93 8.17
C GLU A 252 4.15 -20.17 7.27
N ALA A 253 3.24 -21.08 7.59
CA ALA A 253 3.08 -22.30 6.81
C ALA A 253 2.54 -21.99 5.42
N THR A 254 3.00 -22.76 4.44
CA THR A 254 2.55 -22.56 3.08
C THR A 254 1.04 -22.38 3.04
N ASN A 255 0.60 -21.38 2.29
CA ASN A 255 -0.80 -21.07 2.11
C ASN A 255 -1.67 -21.14 3.35
N SER A 256 -0.96 -20.69 4.48
CA SER A 256 -1.76 -20.65 5.70
C SER A 256 -2.35 -19.25 5.72
N SER A 257 -3.03 -18.94 6.88
CA SER A 257 -3.61 -17.59 6.93
C SER A 257 -4.07 -17.17 8.31
N TRP A 258 -4.07 -15.86 8.51
CA TRP A 258 -4.50 -15.25 9.75
C TRP A 258 -5.95 -15.62 9.99
N GLY A 259 -6.25 -16.15 11.17
CA GLY A 259 -7.60 -16.55 11.47
C GLY A 259 -7.85 -17.90 10.81
N ASP A 260 -8.87 -18.62 11.27
CA ASP A 260 -9.15 -19.94 10.71
C ASP A 260 -9.65 -19.83 9.27
N GLU A 261 -10.65 -18.98 9.05
CA GLU A 261 -11.24 -18.82 7.74
C GLU A 261 -10.59 -17.79 6.81
N GLY A 262 -9.49 -17.19 7.26
CA GLY A 262 -8.82 -16.20 6.42
C GLY A 262 -9.82 -15.17 5.92
N THR A 263 -10.48 -14.52 6.87
CA THR A 263 -11.50 -13.54 6.57
C THR A 263 -11.07 -12.06 6.56
N TRP A 264 -10.22 -11.72 7.37
CA TRP A 264 -9.77 -10.35 7.51
C TRP A 264 -8.42 -9.98 6.91
N ALA A 265 -7.57 -10.95 6.66
CA ALA A 265 -6.26 -10.64 6.09
C ALA A 265 -5.90 -11.63 5.02
N GLY A 266 -6.85 -12.01 4.17
CA GLY A 266 -6.46 -12.95 3.14
C GLY A 266 -5.62 -14.09 3.69
N ARG A 267 -4.62 -14.51 2.92
CA ARG A 267 -3.78 -15.64 3.29
C ARG A 267 -2.30 -15.24 3.18
N TRP A 268 -1.45 -15.95 3.91
CA TRP A 268 -0.02 -15.69 3.87
C TRP A 268 0.56 -16.20 2.56
N GLY A 269 -0.24 -16.97 1.83
CA GLY A 269 0.18 -17.48 0.54
C GLY A 269 1.41 -18.36 0.43
N PHE A 270 2.01 -18.34 -0.75
CA PHE A 270 3.18 -19.16 -1.06
C PHE A 270 4.51 -18.39 -0.99
N ASN A 271 4.42 -17.07 -1.04
CA ASN A 271 5.64 -16.27 -1.01
C ASN A 271 5.35 -14.85 -0.50
N PHE A 272 6.24 -14.36 0.35
CA PHE A 272 6.12 -13.01 0.90
C PHE A 272 6.91 -12.03 0.02
N GLU A 273 6.35 -10.86 -0.21
CA GLU A 273 7.04 -9.88 -1.04
C GLU A 273 7.06 -8.48 -0.44
N THR A 274 8.04 -7.68 -0.83
CA THR A 274 8.40 -6.30 -0.55
C THR A 274 8.05 -5.83 0.84
N GLY A 275 8.50 -6.62 1.79
CA GLY A 275 8.20 -6.35 3.18
C GLY A 275 8.73 -4.98 3.59
N ASN A 276 8.01 -4.37 4.54
CA ASN A 276 8.33 -3.08 5.14
C ASN A 276 8.15 -3.27 6.64
N VAL A 277 9.10 -2.75 7.42
CA VAL A 277 9.01 -2.87 8.86
C VAL A 277 8.84 -1.48 9.44
N LEU A 278 7.70 -1.27 10.09
CA LEU A 278 7.33 0.01 10.67
C LEU A 278 7.28 -0.04 12.19
N PHE A 279 7.38 1.13 12.81
CA PHE A 279 7.30 1.28 14.25
C PHE A 279 6.35 2.45 14.45
N LEU A 280 5.09 2.20 14.94
CA LEU A 280 4.08 3.26 15.14
C LEU A 280 3.79 3.79 16.57
N THR A 281 3.04 4.84 16.64
CA THR A 281 2.53 5.56 17.80
C THR A 281 1.21 6.12 17.28
N GLU A 282 0.45 6.85 18.26
CA GLU A 282 -0.83 7.39 17.84
C GLU A 282 -0.69 8.67 17.04
N GLU A 283 0.56 8.92 16.83
CA GLU A 283 0.71 10.16 16.09
C GLU A 283 1.63 10.01 14.88
N GLY A 284 2.45 8.96 14.87
CA GLY A 284 3.35 8.77 13.75
C GLY A 284 4.29 7.57 13.81
N HIS A 285 5.56 7.82 13.52
CA HIS A 285 6.58 6.78 13.50
C HIS A 285 7.70 7.06 14.51
N ASP A 286 7.98 6.08 15.38
CA ASP A 286 9.02 6.20 16.39
C ASP A 286 9.67 4.83 16.62
N PRO A 287 10.88 4.63 16.09
CA PRO A 287 11.62 3.37 16.21
C PRO A 287 11.96 2.99 17.66
N GLN A 288 11.71 3.91 18.58
CA GLN A 288 11.99 3.65 19.98
C GLN A 288 10.72 3.25 20.72
N THR A 289 9.65 4.00 20.52
CA THR A 289 8.39 3.72 21.22
C THR A 289 7.28 3.09 20.38
N GLY A 290 7.35 3.07 19.12
CA GLY A 290 6.29 2.51 18.29
C GLY A 290 6.09 1.01 18.36
N GLU A 291 4.88 0.69 18.03
CA GLU A 291 4.55 -0.74 18.02
C GLU A 291 5.08 -1.28 16.69
N VAL A 292 5.49 -2.54 16.68
CA VAL A 292 6.01 -3.13 15.45
C VAL A 292 4.90 -3.50 14.48
N PHE A 293 5.03 -2.99 13.27
CA PHE A 293 4.07 -3.23 12.20
C PHE A 293 4.85 -3.64 10.98
N VAL A 294 4.28 -4.49 10.15
CA VAL A 294 4.92 -4.95 8.93
C VAL A 294 3.89 -4.93 7.83
N THR A 295 4.24 -4.37 6.68
CA THR A 295 3.34 -4.38 5.54
C THR A 295 4.04 -5.29 4.55
N LEU A 296 3.27 -6.06 3.78
CA LEU A 296 3.86 -6.98 2.81
C LEU A 296 2.85 -7.42 1.78
N GLY A 297 3.37 -8.00 0.70
CA GLY A 297 2.50 -8.52 -0.33
C GLY A 297 2.63 -10.02 -0.23
N THR A 298 1.55 -10.76 -0.48
CA THR A 298 1.63 -12.21 -0.43
C THR A 298 1.10 -12.73 -1.74
N GLU A 299 1.76 -13.75 -2.28
CA GLU A 299 1.35 -14.33 -3.55
C GLU A 299 0.52 -15.58 -3.32
N GLY A 300 -0.72 -15.54 -3.77
CA GLY A 300 -1.60 -16.68 -3.61
C GLY A 300 -1.84 -17.42 -4.91
N SER A 301 -2.46 -18.58 -4.80
CA SER A 301 -2.78 -19.42 -5.94
C SER A 301 -3.81 -20.46 -5.55
N GLY A 302 -4.72 -20.73 -6.49
CA GLY A 302 -5.72 -21.75 -6.26
C GLY A 302 -5.07 -23.02 -6.76
N LEU A 303 -5.88 -24.06 -6.95
CA LEU A 303 -5.37 -25.33 -7.45
C LEU A 303 -6.23 -25.85 -8.59
N PRO A 304 -5.62 -26.47 -9.60
CA PRO A 304 -4.16 -26.67 -9.69
C PRO A 304 -3.37 -25.36 -9.81
N ILE A 305 -2.05 -25.47 -9.67
CA ILE A 305 -1.18 -24.32 -9.76
C ILE A 305 -0.73 -24.08 -11.20
N VAL A 306 -0.78 -22.83 -11.61
CA VAL A 306 -0.36 -22.45 -12.96
C VAL A 306 1.09 -21.95 -12.86
N PRO A 307 2.04 -22.74 -13.39
CA PRO A 307 3.47 -22.38 -13.36
C PRO A 307 3.76 -20.93 -13.70
N GLN A 308 4.42 -20.24 -12.78
CA GLN A 308 4.79 -18.84 -12.94
C GLN A 308 3.61 -17.89 -12.90
N VAL A 309 2.52 -18.34 -12.29
CA VAL A 309 1.34 -17.49 -12.16
C VAL A 309 0.89 -17.38 -10.71
N SER A 310 0.69 -16.16 -10.24
CA SER A 310 0.21 -15.90 -8.89
C SER A 310 -1.19 -15.36 -9.12
N SER A 311 -2.21 -16.16 -8.84
CA SER A 311 -3.58 -15.75 -9.05
C SER A 311 -4.00 -14.61 -8.13
N ILE A 312 -3.41 -14.56 -6.94
CA ILE A 312 -3.77 -13.56 -5.93
C ILE A 312 -2.56 -12.74 -5.45
N HIS A 313 -2.71 -11.42 -5.41
CA HIS A 313 -1.66 -10.52 -4.91
C HIS A 313 -2.28 -9.67 -3.80
N ASP A 314 -2.17 -10.13 -2.56
CA ASP A 314 -2.75 -9.42 -1.42
C ASP A 314 -1.78 -8.42 -0.80
N MET A 315 -2.28 -7.21 -0.57
CA MET A 315 -1.50 -6.15 0.04
C MET A 315 -1.88 -6.12 1.51
N LEU A 316 -1.13 -6.84 2.33
CA LEU A 316 -1.43 -6.96 3.75
C LEU A 316 -0.54 -6.17 4.71
N TRP A 317 -0.97 -6.16 5.97
CA TRP A 317 -0.25 -5.52 7.06
C TRP A 317 -0.48 -6.36 8.31
N ALA A 318 0.52 -6.41 9.18
CA ALA A 318 0.41 -7.17 10.41
C ALA A 318 1.09 -6.35 11.48
N ALA A 319 0.66 -6.54 12.72
CA ALA A 319 1.23 -5.85 13.86
C ALA A 319 1.38 -6.89 14.96
N GLY A 320 2.29 -6.66 15.89
CA GLY A 320 2.49 -7.61 16.96
C GLY A 320 3.69 -7.26 17.79
N GLU A 321 4.38 -8.27 18.30
CA GLU A 321 5.56 -8.03 19.11
C GLU A 321 6.76 -8.82 18.63
N VAL A 322 7.93 -8.36 19.05
CA VAL A 322 9.19 -8.99 18.70
C VAL A 322 9.83 -9.50 19.99
N GLY A 323 10.19 -10.78 20.01
CA GLY A 323 10.80 -11.34 21.20
C GLY A 323 12.08 -12.10 20.93
N VAL A 324 12.68 -12.64 21.99
CA VAL A 324 13.88 -13.45 21.77
C VAL A 324 13.56 -14.59 20.82
N GLY A 325 14.64 -15.07 20.40
CA GLY A 325 14.52 -16.18 19.47
C GLY A 325 14.13 -17.52 20.08
N SER A 326 12.95 -17.56 20.70
CA SER A 326 12.47 -18.79 21.33
C SER A 326 13.58 -19.50 22.09
N GLU A 327 13.48 -20.83 22.19
CA GLU A 327 14.48 -21.61 22.91
C GLU A 327 15.31 -22.43 21.92
N GLN A 328 14.70 -22.77 20.79
CA GLN A 328 15.36 -23.57 19.76
C GLN A 328 16.52 -22.83 19.10
N GLU A 329 17.03 -23.38 17.99
CA GLU A 329 18.14 -22.78 17.28
C GLU A 329 17.71 -21.94 16.08
N GLY A 330 16.45 -21.50 16.08
CA GLY A 330 15.95 -20.70 14.98
C GLY A 330 16.49 -19.26 14.94
N ALA A 331 15.62 -18.33 14.58
CA ALA A 331 15.99 -16.93 14.49
C ALA A 331 16.44 -16.34 15.83
N LYS A 332 17.32 -15.36 15.76
CA LYS A 332 17.81 -14.69 16.97
C LYS A 332 16.62 -13.97 17.60
N VAL A 333 15.72 -13.48 16.75
CA VAL A 333 14.53 -12.78 17.20
C VAL A 333 13.35 -13.21 16.33
N GLU A 334 12.14 -13.11 16.89
CA GLU A 334 10.94 -13.51 16.17
C GLU A 334 9.81 -12.50 16.29
N PHE A 335 9.12 -12.30 15.17
CA PHE A 335 7.99 -11.39 15.10
C PHE A 335 6.70 -12.22 15.22
N SER A 336 5.87 -11.91 16.21
CA SER A 336 4.63 -12.64 16.39
C SER A 336 3.46 -11.70 16.18
N PRO A 337 2.63 -11.97 15.16
CA PRO A 337 1.47 -11.12 14.88
C PRO A 337 0.41 -11.22 15.95
N SER A 338 -0.22 -10.10 16.27
CA SER A 338 -1.29 -10.06 17.24
C SER A 338 -2.55 -9.72 16.46
N MET A 339 -2.36 -9.02 15.35
CA MET A 339 -3.47 -8.63 14.48
C MET A 339 -2.92 -8.44 13.07
N ALA A 340 -3.83 -8.45 12.08
CA ALA A 340 -3.46 -8.30 10.68
C ALA A 340 -4.68 -7.96 9.80
N GLY A 341 -4.43 -7.23 8.72
CA GLY A 341 -5.50 -6.86 7.79
C GLY A 341 -4.95 -6.54 6.42
N PHE A 342 -5.63 -5.66 5.68
CA PHE A 342 -5.20 -5.26 4.33
C PHE A 342 -4.81 -3.78 4.32
N LEU A 343 -3.69 -3.46 3.66
CA LEU A 343 -3.29 -2.06 3.54
C LEU A 343 -4.20 -1.49 2.47
N ASP A 344 -4.57 -2.32 1.50
CA ASP A 344 -5.52 -1.93 0.45
C ASP A 344 -6.17 -3.22 -0.08
N TRP A 345 -7.50 -3.24 -0.06
CA TRP A 345 -8.27 -4.41 -0.50
C TRP A 345 -8.39 -4.59 -2.02
N GLY A 346 -7.82 -3.67 -2.77
CA GLY A 346 -7.88 -3.76 -4.22
C GLY A 346 -7.13 -4.96 -4.77
N PHE A 347 -7.74 -5.59 -5.76
CA PHE A 347 -7.16 -6.74 -6.42
C PHE A 347 -5.80 -6.34 -6.99
N SER A 348 -5.77 -5.16 -7.61
CA SER A 348 -4.58 -4.62 -8.26
C SER A 348 -3.66 -3.78 -7.39
N ALA A 349 -3.95 -3.75 -6.09
CA ALA A 349 -3.09 -3.08 -5.12
C ALA A 349 -2.07 -4.07 -4.56
N TYR A 350 -0.80 -3.69 -4.59
CA TYR A 350 0.29 -4.56 -4.15
C TYR A 350 1.63 -3.85 -4.01
N ALA A 351 2.69 -4.51 -3.54
CA ALA A 351 4.03 -3.97 -3.39
C ALA A 351 4.17 -2.58 -2.77
N ALA A 352 3.51 -2.29 -1.67
CA ALA A 352 3.70 -1.01 -1.01
C ALA A 352 5.13 -0.80 -0.53
N ALA A 353 5.62 0.42 -0.68
CA ALA A 353 6.95 0.75 -0.22
C ALA A 353 6.80 2.10 0.47
N GLY A 354 7.08 2.11 1.78
CA GLY A 354 6.97 3.32 2.54
C GLY A 354 8.34 3.75 3.04
N LYS A 355 8.36 4.80 3.85
CA LYS A 355 9.61 5.30 4.39
C LYS A 355 9.30 6.28 5.51
N VAL A 356 10.23 6.40 6.44
CA VAL A 356 10.03 7.33 7.53
C VAL A 356 10.19 8.71 6.92
N LEU A 357 9.28 9.63 7.28
CA LEU A 357 9.32 11.00 6.80
C LEU A 357 9.51 11.86 8.05
N PRO A 358 10.77 12.20 8.37
CA PRO A 358 11.18 13.01 9.52
C PRO A 358 10.50 14.36 9.66
N ALA A 359 10.34 14.80 10.90
CA ALA A 359 9.74 16.11 11.16
C ALA A 359 10.76 17.15 10.67
N SER A 360 12.02 16.72 10.57
CA SER A 360 13.10 17.61 10.13
C SER A 360 13.10 17.79 8.62
N SER A 361 12.26 17.03 7.93
CA SER A 361 12.19 17.11 6.47
C SER A 361 11.68 18.46 6.00
N ALA A 362 12.05 18.83 4.79
CA ALA A 362 11.62 20.08 4.20
C ALA A 362 10.11 20.03 4.02
N VAL A 363 9.57 18.81 3.99
CA VAL A 363 8.14 18.63 3.81
C VAL A 363 7.37 18.94 5.09
N SER A 364 7.77 18.32 6.19
CA SER A 364 7.11 18.51 7.46
C SER A 364 7.34 19.93 8.02
N LYS A 365 8.51 20.50 7.75
CA LYS A 365 8.80 21.86 8.22
C LYS A 365 7.82 22.82 7.57
N THR A 366 7.73 22.74 6.25
CA THR A 366 6.86 23.61 5.46
C THR A 366 5.38 23.46 5.77
N SER A 367 4.94 22.26 6.16
CA SER A 367 3.52 22.05 6.46
C SER A 367 3.25 22.19 7.96
N GLY A 368 4.32 22.38 8.73
CA GLY A 368 4.16 22.54 10.17
C GLY A 368 4.04 21.26 10.98
N VAL A 369 4.32 20.11 10.35
CA VAL A 369 4.25 18.83 11.05
C VAL A 369 5.51 18.69 11.91
N GLU A 370 5.34 18.35 13.19
CA GLU A 370 6.52 18.21 14.04
C GLU A 370 6.65 16.87 14.75
N VAL A 371 6.28 15.81 14.04
CA VAL A 371 6.40 14.45 14.54
C VAL A 371 6.92 13.65 13.36
N ASP A 372 7.57 12.52 13.63
CA ASP A 372 8.06 11.69 12.54
C ASP A 372 6.88 10.89 12.01
N ARG A 373 6.76 10.80 10.69
CA ARG A 373 5.67 10.04 10.09
C ARG A 373 6.22 8.87 9.29
N TYR A 374 5.32 7.99 8.85
CA TYR A 374 5.71 6.86 8.00
C TYR A 374 4.76 6.95 6.81
N VAL A 375 5.29 7.36 5.66
CA VAL A 375 4.47 7.47 4.46
C VAL A 375 4.61 6.21 3.62
N SER A 376 3.48 5.69 3.15
CA SER A 376 3.47 4.48 2.35
C SER A 376 2.91 4.71 0.93
N PHE A 377 3.60 4.16 -0.07
CA PHE A 377 3.18 4.28 -1.47
C PHE A 377 2.78 2.91 -2.01
N VAL A 378 1.48 2.73 -2.25
CA VAL A 378 0.96 1.47 -2.75
C VAL A 378 0.93 1.48 -4.28
N TRP A 379 1.25 0.32 -4.86
CA TRP A 379 1.27 0.17 -6.31
C TRP A 379 -0.09 -0.28 -6.82
N LEU A 380 -0.50 0.27 -7.95
CA LEU A 380 -1.74 -0.14 -8.56
C LEU A 380 -1.33 -0.60 -9.95
N THR A 381 -1.07 -1.90 -10.10
CA THR A 381 -0.66 -2.44 -11.39
C THR A 381 -1.70 -2.04 -12.43
N GLY A 382 -1.26 -1.76 -13.65
CA GLY A 382 -2.20 -1.32 -14.68
C GLY A 382 -2.79 -2.42 -15.54
N ASP A 383 -2.11 -3.57 -15.57
CA ASP A 383 -2.53 -4.69 -16.38
C ASP A 383 -2.70 -6.00 -15.60
N GLN A 384 -3.21 -5.89 -14.37
CA GLN A 384 -3.44 -7.07 -13.55
C GLN A 384 -2.19 -7.95 -13.45
N TYR A 385 -1.07 -7.33 -13.05
CA TYR A 385 0.19 -8.05 -12.91
C TYR A 385 0.62 -8.76 -14.19
N GLU A 386 0.34 -8.11 -15.33
CA GLU A 386 0.68 -8.62 -16.66
C GLU A 386 -0.07 -9.89 -17.02
N GLN A 387 -1.30 -10.01 -16.54
CA GLN A 387 -2.12 -11.18 -16.85
C GLN A 387 -3.36 -10.71 -17.60
N ALA A 388 -3.46 -9.39 -17.80
CA ALA A 388 -4.60 -8.81 -18.50
C ALA A 388 -4.82 -9.50 -19.85
N ASP A 389 -6.08 -9.59 -20.27
CA ASP A 389 -6.38 -10.23 -21.55
C ASP A 389 -6.35 -9.25 -22.71
N GLY A 390 -5.15 -8.92 -23.15
CA GLY A 390 -5.00 -8.01 -24.27
C GLY A 390 -5.34 -6.56 -23.99
N PHE A 391 -4.86 -6.01 -22.87
CA PHE A 391 -5.14 -4.61 -22.61
C PHE A 391 -4.51 -3.81 -23.76
N PRO A 392 -5.12 -2.68 -24.12
CA PRO A 392 -4.57 -1.86 -25.22
C PRO A 392 -3.42 -0.99 -24.72
N THR A 393 -2.37 -1.70 -24.38
CA THR A 393 -1.22 -1.01 -23.84
C THR A 393 -0.52 -0.09 -24.84
N ALA A 394 -0.35 -0.57 -26.06
CA ALA A 394 0.30 0.22 -27.09
C ALA A 394 -0.54 1.47 -27.33
N GLN A 395 -1.86 1.32 -27.21
CA GLN A 395 -2.76 2.45 -27.43
C GLN A 395 -2.71 3.50 -26.33
N GLN A 396 -2.60 3.03 -25.09
CA GLN A 396 -2.55 3.96 -23.96
C GLN A 396 -1.20 4.67 -23.85
N GLY A 397 -0.13 3.94 -24.16
CA GLY A 397 1.19 4.54 -24.08
C GLY A 397 1.81 4.54 -22.69
N TRP A 398 1.11 3.98 -21.70
CA TRP A 398 1.61 3.91 -20.33
C TRP A 398 0.87 2.81 -19.57
N THR A 399 1.43 2.40 -18.44
CA THR A 399 0.84 1.32 -17.67
C THR A 399 1.05 1.47 -16.16
N GLY A 400 -0.03 1.45 -15.40
CA GLY A 400 0.08 1.55 -13.96
C GLY A 400 0.24 2.95 -13.38
N SER A 401 0.18 3.01 -12.06
CA SER A 401 0.32 4.23 -11.31
C SER A 401 0.48 3.81 -9.85
N LEU A 402 0.92 4.75 -9.01
CA LEU A 402 1.04 4.49 -7.59
C LEU A 402 -0.19 5.16 -7.00
N LEU A 403 -0.62 4.75 -5.82
CA LEU A 403 -1.77 5.37 -5.18
C LEU A 403 -1.30 6.57 -4.37
N LEU A 404 -2.24 7.36 -3.86
CA LEU A 404 -1.89 8.53 -3.07
C LEU A 404 -1.02 8.14 -1.87
N PRO A 405 -0.01 8.95 -1.56
CA PRO A 405 0.86 8.64 -0.41
C PRO A 405 -0.06 8.53 0.79
N ARG A 406 0.25 7.63 1.72
CA ARG A 406 -0.58 7.45 2.90
C ARG A 406 0.20 7.41 4.20
N GLU A 407 -0.37 8.04 5.22
CA GLU A 407 0.24 8.06 6.54
C GLU A 407 -0.21 6.80 7.26
N LEU A 408 0.71 6.13 7.94
CA LEU A 408 0.36 4.94 8.69
C LEU A 408 0.71 5.23 10.13
N LYS A 409 -0.19 4.88 11.04
CA LYS A 409 0.03 5.11 12.46
C LYS A 409 -0.93 4.19 13.19
N VAL A 410 -0.94 4.25 14.51
CA VAL A 410 -1.85 3.43 15.28
C VAL A 410 -3.13 4.24 15.42
N GLN A 411 -4.24 3.69 14.92
CA GLN A 411 -5.52 4.37 15.00
C GLN A 411 -6.33 3.71 16.11
N THR A 412 -7.01 4.52 16.89
CA THR A 412 -7.81 3.99 17.98
C THR A 412 -9.29 4.22 17.71
N VAL A 413 -10.10 3.27 18.13
CA VAL A 413 -11.54 3.36 17.98
C VAL A 413 -12.04 3.35 19.42
N GLU A 414 -12.44 4.51 19.91
CA GLU A 414 -12.89 4.64 21.28
C GLU A 414 -14.39 4.45 21.48
N ASN A 415 -14.78 4.29 22.73
CA ASN A 415 -16.19 4.14 23.11
C ASN A 415 -16.89 3.00 22.40
N VAL A 416 -16.17 1.91 22.16
CA VAL A 416 -16.74 0.76 21.48
C VAL A 416 -17.37 -0.21 22.46
N VAL A 417 -18.49 -0.80 22.06
CA VAL A 417 -19.18 -1.76 22.91
C VAL A 417 -18.47 -3.10 22.83
N ASP A 418 -17.78 -3.48 23.89
CA ASP A 418 -16.95 -4.68 23.83
C ASP A 418 -17.81 -5.92 23.62
N ASN A 419 -18.23 -6.12 22.38
CA ASN A 419 -19.20 -7.17 22.08
C ASN A 419 -18.64 -8.17 21.11
N GLU A 420 -19.36 -9.27 20.94
CA GLU A 420 -18.91 -10.32 20.02
C GLU A 420 -18.24 -9.74 18.79
N LEU A 421 -18.82 -8.63 18.33
CA LEU A 421 -18.25 -7.90 17.20
C LEU A 421 -16.79 -7.56 17.40
N VAL A 422 -16.40 -7.40 18.66
CA VAL A 422 -15.02 -7.05 19.01
C VAL A 422 -14.15 -8.25 19.37
N ARG A 423 -14.75 -9.20 20.10
CA ARG A 423 -14.02 -10.36 20.58
C ARG A 423 -14.06 -11.55 19.61
N GLU A 424 -13.88 -11.26 18.31
CA GLU A 424 -13.82 -12.32 17.33
C GLU A 424 -12.35 -12.69 17.14
N GLU A 425 -12.09 -13.89 16.63
CA GLU A 425 -10.70 -14.34 16.44
C GLU A 425 -10.13 -13.96 15.08
N GLY A 426 -8.83 -13.75 15.06
CA GLY A 426 -8.14 -13.40 13.83
C GLY A 426 -8.71 -12.17 13.16
N VAL A 427 -8.70 -11.03 13.86
CA VAL A 427 -9.21 -9.79 13.28
C VAL A 427 -8.10 -8.77 13.06
N SER A 428 -8.48 -7.60 12.56
CA SER A 428 -7.53 -6.53 12.27
C SER A 428 -7.46 -5.50 13.38
N TRP A 429 -7.59 -5.95 14.62
CA TRP A 429 -7.55 -5.03 15.76
C TRP A 429 -7.42 -5.75 17.10
N VAL A 430 -6.91 -5.04 18.10
CA VAL A 430 -6.76 -5.59 19.44
C VAL A 430 -7.44 -4.64 20.41
N VAL A 431 -7.90 -5.19 21.53
CA VAL A 431 -8.54 -4.38 22.57
C VAL A 431 -7.43 -3.69 23.33
N GLY A 432 -7.49 -2.37 23.35
CA GLY A 432 -6.60 -1.55 24.16
C GLY A 432 -6.99 -1.46 25.63
N GLU A 433 -8.21 -1.01 25.92
CA GLU A 433 -8.62 -0.82 27.31
C GLU A 433 -10.15 -0.92 27.38
N SER A 434 -10.56 -1.90 28.17
CA SER A 434 -11.91 -2.38 28.21
C SER A 434 -12.25 -2.71 29.64
N ASP A 435 -13.47 -2.36 29.98
CA ASP A 435 -14.05 -2.47 31.32
C ASP A 435 -15.24 -3.41 31.15
N ASN A 436 -15.18 -4.18 30.07
CA ASN A 436 -16.23 -5.14 29.72
C ASN A 436 -17.52 -4.45 29.33
N GLN A 437 -17.52 -3.11 29.43
CA GLN A 437 -18.67 -2.30 29.06
C GLN A 437 -18.35 -1.56 27.75
N THR A 438 -17.23 -0.84 27.74
CA THR A 438 -16.78 -0.13 26.55
C THR A 438 -15.27 -0.19 26.51
N ALA A 439 -14.72 -0.40 25.32
CA ALA A 439 -13.27 -0.48 25.20
C ALA A 439 -12.71 0.34 24.05
N THR A 440 -11.40 0.57 24.12
CA THR A 440 -10.71 1.29 23.08
C THR A 440 -10.11 0.18 22.21
N LEU A 441 -10.11 0.39 20.90
CA LEU A 441 -9.56 -0.59 19.97
C LEU A 441 -8.34 -0.02 19.28
N ARG A 442 -7.35 -0.88 19.04
CA ARG A 442 -6.12 -0.47 18.37
C ARG A 442 -6.01 -1.20 17.03
N THR A 443 -5.72 -0.43 15.98
CA THR A 443 -5.57 -1.00 14.64
C THR A 443 -4.67 -0.11 13.79
N LEU A 444 -4.38 -0.54 12.57
CA LEU A 444 -3.54 0.27 11.70
C LEU A 444 -4.37 1.42 11.15
N GLY A 445 -3.88 2.64 11.34
CA GLY A 445 -4.58 3.80 10.83
C GLY A 445 -4.12 4.11 9.41
N ILE A 446 -5.08 4.32 8.51
CA ILE A 446 -4.78 4.61 7.11
C ILE A 446 -5.42 5.90 6.60
N THR A 447 -4.60 6.91 6.35
CA THR A 447 -5.09 8.20 5.85
C THR A 447 -4.24 8.75 4.71
N ILE A 448 -4.84 9.62 3.92
CA ILE A 448 -4.14 10.26 2.82
C ILE A 448 -3.15 11.21 3.48
N ALA A 449 -1.90 11.24 3.00
CA ALA A 449 -0.90 12.14 3.57
C ALA A 449 -1.52 13.54 3.57
N ARG A 450 -1.52 14.20 4.72
CA ARG A 450 -2.16 15.50 4.86
C ARG A 450 -1.88 16.55 3.80
N GLU A 451 -0.63 16.73 3.39
CA GLU A 451 -0.29 17.72 2.37
C GLU A 451 -0.95 17.35 1.05
N THR A 452 -1.06 16.05 0.78
CA THR A 452 -1.70 15.60 -0.44
C THR A 452 -3.21 15.81 -0.34
N LYS A 453 -3.78 15.55 0.82
CA LYS A 453 -5.22 15.72 0.96
C LYS A 453 -5.57 17.19 0.82
N ALA A 454 -4.75 18.06 1.40
CA ALA A 454 -4.97 19.49 1.32
C ALA A 454 -4.90 19.93 -0.15
N ALA A 455 -3.83 19.54 -0.83
CA ALA A 455 -3.66 19.91 -2.23
C ALA A 455 -4.81 19.44 -3.11
N LEU A 456 -5.39 18.30 -2.76
CA LEU A 456 -6.51 17.76 -3.52
C LEU A 456 -7.76 18.63 -3.40
N LEU A 457 -7.88 19.37 -2.30
CA LEU A 457 -9.04 20.21 -2.04
C LEU A 457 -8.80 21.71 -2.07
N ALA A 458 -7.55 22.13 -2.22
CA ALA A 458 -7.21 23.54 -2.20
C ALA A 458 -8.00 24.43 -3.15
N ASN A 459 -7.94 24.16 -4.45
CA ASN A 459 -8.65 25.00 -5.40
C ASN A 459 -9.85 24.32 -6.05
N GLY A 460 -10.38 23.31 -5.37
CA GLY A 460 -11.52 22.59 -5.93
C GLY A 460 -12.86 23.25 -5.68
N SER A 461 -13.74 23.15 -6.68
CA SER A 461 -15.09 23.70 -6.59
C SER A 461 -15.86 22.79 -5.64
N VAL A 462 -16.52 23.37 -4.64
CA VAL A 462 -17.26 22.58 -3.66
C VAL A 462 -18.79 22.63 -3.80
N THR A 463 -19.41 21.45 -3.87
CA THR A 463 -20.86 21.36 -4.00
C THR A 463 -21.45 20.38 -2.99
N ALA A 464 -22.24 20.91 -2.06
CA ALA A 464 -22.87 20.09 -1.04
C ALA A 464 -24.17 19.45 -1.54
N GLU A 465 -24.67 18.52 -0.74
CA GLU A 465 -25.93 17.81 -1.00
C GLU A 465 -26.64 17.80 0.36
N GLU A 466 -27.95 18.01 0.36
CA GLU A 466 -28.67 18.00 1.63
C GLU A 466 -28.73 16.60 2.23
N ASP A 467 -28.62 16.52 3.55
CA ASP A 467 -28.67 15.23 4.21
C ASP A 467 -30.02 14.64 3.81
N ARG A 468 -30.11 13.32 3.76
CA ARG A 468 -31.36 12.70 3.36
C ARG A 468 -31.37 11.22 3.73
N THR A 469 -32.57 10.65 3.83
CA THR A 469 -32.71 9.25 4.19
C THR A 469 -33.38 8.50 3.05
N LEU A 470 -33.11 7.20 2.97
CA LEU A 470 -33.70 6.35 1.94
C LEU A 470 -34.12 5.05 2.59
N GLN A 471 -35.41 4.74 2.50
CA GLN A 471 -35.93 3.51 3.08
C GLN A 471 -36.28 2.56 1.96
N THR A 472 -37.01 3.05 0.97
CA THR A 472 -37.39 2.23 -0.17
C THR A 472 -36.27 2.28 -1.20
N ALA A 473 -36.15 1.23 -2.02
CA ALA A 473 -35.12 1.17 -3.03
C ALA A 473 -35.17 2.43 -3.90
N ALA A 474 -34.01 3.02 -4.15
CA ALA A 474 -33.95 4.21 -4.98
C ALA A 474 -32.54 4.55 -5.43
N VAL A 475 -32.48 5.33 -6.51
CA VAL A 475 -31.23 5.81 -7.07
C VAL A 475 -31.52 7.28 -7.30
N VAL A 476 -31.03 8.13 -6.41
CA VAL A 476 -31.30 9.54 -6.54
C VAL A 476 -30.12 10.35 -7.01
N PRO A 477 -30.23 10.97 -8.20
CA PRO A 477 -29.13 11.77 -8.72
C PRO A 477 -28.86 12.99 -7.84
N PHE A 478 -27.58 13.27 -7.60
CA PHE A 478 -27.22 14.43 -6.79
C PHE A 478 -27.91 15.63 -7.43
N ALA A 479 -28.11 16.69 -6.65
CA ALA A 479 -28.73 17.89 -7.17
C ALA A 479 -27.89 18.41 -8.30
N GLN A 480 -26.58 18.24 -8.15
CA GLN A 480 -25.61 18.70 -9.14
C GLN A 480 -24.40 17.77 -9.10
N SER A 481 -23.98 17.29 -10.26
CA SER A 481 -22.84 16.40 -10.35
C SER A 481 -21.67 17.14 -10.97
N PRO A 482 -20.45 16.63 -10.77
CA PRO A 482 -19.32 17.33 -11.37
C PRO A 482 -19.41 17.17 -12.89
N SER A 483 -18.62 17.93 -13.62
CA SER A 483 -18.63 17.83 -15.08
C SER A 483 -17.31 17.23 -15.59
N SER A 484 -16.56 16.62 -14.69
CA SER A 484 -15.30 15.98 -15.03
C SER A 484 -15.07 14.78 -14.11
N LYS A 485 -14.07 13.97 -14.45
CA LYS A 485 -13.79 12.79 -13.65
C LYS A 485 -12.67 12.99 -12.65
N PHE A 486 -12.56 14.20 -12.13
CA PHE A 486 -11.51 14.54 -11.17
C PHE A 486 -12.18 15.18 -9.96
N PHE A 487 -12.44 14.39 -8.93
CA PHE A 487 -13.13 14.91 -7.77
C PHE A 487 -12.98 14.09 -6.51
N VAL A 488 -13.38 14.67 -5.39
CA VAL A 488 -13.33 13.98 -4.11
C VAL A 488 -14.74 13.96 -3.54
N LEU A 489 -15.25 12.76 -3.29
CA LEU A 489 -16.59 12.60 -2.73
C LEU A 489 -16.50 12.20 -1.27
N THR A 490 -17.18 12.95 -0.40
CA THR A 490 -17.19 12.67 1.03
C THR A 490 -18.63 12.52 1.53
N ALA A 491 -18.85 11.57 2.43
CA ALA A 491 -20.18 11.34 2.99
C ALA A 491 -20.11 10.45 4.22
N GLN A 492 -21.13 10.57 5.07
CA GLN A 492 -21.24 9.75 6.26
C GLN A 492 -22.57 9.02 6.15
N LEU A 493 -22.55 7.72 6.39
CA LEU A 493 -23.76 6.91 6.32
C LEU A 493 -24.06 6.30 7.68
N GLU A 494 -25.18 6.70 8.28
CA GLU A 494 -25.59 6.18 9.57
C GLU A 494 -26.60 5.08 9.36
N PHE A 495 -26.33 3.92 9.95
CA PHE A 495 -27.20 2.77 9.82
C PHE A 495 -27.84 2.38 11.16
N PRO A 496 -29.10 1.94 11.14
CA PRO A 496 -29.76 1.55 12.39
C PRO A 496 -29.33 0.14 12.77
N ALA A 497 -29.26 -0.13 14.07
CA ALA A 497 -28.84 -1.44 14.56
C ALA A 497 -29.51 -2.62 13.83
N SER A 498 -30.73 -2.41 13.35
CA SER A 498 -31.49 -3.45 12.66
C SER A 498 -30.92 -3.81 11.29
N ALA A 499 -29.95 -3.03 10.82
CA ALA A 499 -29.36 -3.25 9.52
C ALA A 499 -28.31 -4.36 9.47
N ARG A 500 -27.64 -4.62 10.58
CA ARG A 500 -26.60 -5.66 10.60
C ARG A 500 -27.09 -7.00 10.08
N SER A 501 -28.31 -7.35 10.43
CA SER A 501 -28.90 -8.63 10.01
C SER A 501 -29.57 -8.60 8.65
N SER A 502 -29.56 -7.47 7.97
CA SER A 502 -30.23 -7.38 6.67
C SER A 502 -29.34 -7.40 5.45
N PRO A 503 -29.96 -7.56 4.29
CA PRO A 503 -29.23 -7.60 3.01
C PRO A 503 -29.01 -6.18 2.48
N LEU A 504 -29.04 -5.21 3.38
CA LEU A 504 -28.88 -3.81 3.02
C LEU A 504 -27.65 -3.53 2.16
N GLN A 505 -27.82 -2.64 1.18
CA GLN A 505 -26.74 -2.20 0.30
C GLN A 505 -26.98 -0.72 0.06
N SER A 506 -26.10 0.12 0.60
CA SER A 506 -26.25 1.57 0.43
C SER A 506 -24.92 2.24 0.06
N GLY A 507 -25.00 3.22 -0.83
CA GLY A 507 -23.80 3.93 -1.23
C GLY A 507 -24.08 4.98 -2.29
N PHE A 508 -23.29 4.95 -3.35
CA PHE A 508 -23.43 5.89 -4.44
C PHE A 508 -23.13 5.25 -5.78
N GLU A 509 -23.55 5.92 -6.83
CA GLU A 509 -23.29 5.50 -8.19
C GLU A 509 -22.51 6.68 -8.76
N ILE A 510 -21.25 6.45 -9.13
CA ILE A 510 -20.42 7.54 -9.69
C ILE A 510 -20.07 7.30 -11.14
N LEU A 511 -19.38 8.27 -11.73
CA LEU A 511 -18.95 8.18 -13.12
C LEU A 511 -20.10 7.64 -13.96
N ALA A 512 -21.29 8.21 -13.76
CA ALA A 512 -22.51 7.70 -14.41
C ALA A 512 -23.10 8.49 -15.61
N SER A 513 -23.40 7.73 -16.66
CA SER A 513 -24.21 8.10 -17.82
C SER A 513 -25.12 6.88 -17.99
N GLU A 514 -26.01 7.02 -18.98
CA GLU A 514 -27.15 6.15 -19.16
C GLU A 514 -26.58 4.89 -19.72
N LEU A 515 -25.41 5.02 -20.32
CA LEU A 515 -24.70 3.81 -20.69
C LEU A 515 -23.58 3.38 -19.77
N GLU A 516 -23.37 4.09 -18.66
CA GLU A 516 -22.29 3.74 -17.74
C GLU A 516 -22.54 4.16 -16.30
N ARG A 517 -21.94 3.42 -15.38
CA ARG A 517 -22.04 3.71 -13.96
C ARG A 517 -21.10 2.80 -13.20
N THR A 518 -20.72 3.25 -12.01
CA THR A 518 -19.84 2.51 -11.12
C THR A 518 -20.49 2.62 -9.75
N ALA A 519 -20.80 1.48 -9.14
CA ALA A 519 -21.44 1.48 -7.83
C ALA A 519 -20.43 1.25 -6.70
N ILE A 520 -20.57 2.06 -5.66
CA ILE A 520 -19.71 1.98 -4.48
C ILE A 520 -20.67 1.97 -3.29
N TYR A 521 -20.76 0.83 -2.61
CA TYR A 521 -21.68 0.72 -1.47
C TYR A 521 -21.21 -0.17 -0.33
N TYR A 522 -21.97 -0.16 0.75
CA TYR A 522 -21.64 -0.98 1.90
C TYR A 522 -22.66 -2.11 2.01
N GLN A 523 -22.16 -3.32 2.28
CA GLN A 523 -22.99 -4.51 2.42
C GLN A 523 -22.82 -5.04 3.83
N PHE A 524 -23.91 -5.10 4.59
CA PHE A 524 -23.85 -5.62 5.93
C PHE A 524 -23.74 -7.14 5.95
N SER A 525 -24.23 -7.78 4.89
CA SER A 525 -24.20 -9.24 4.78
C SER A 525 -22.82 -9.83 5.03
N ASN A 526 -21.80 -9.26 4.39
CA ASN A 526 -20.44 -9.73 4.60
C ASN A 526 -19.58 -8.56 5.04
N GLU A 527 -20.35 -7.59 5.12
CA GLU A 527 -19.89 -6.41 5.85
C GLU A 527 -18.77 -5.66 5.13
N SER A 528 -18.99 -5.28 3.89
CA SER A 528 -17.83 -4.99 3.08
C SER A 528 -18.11 -3.91 2.10
N LEU A 529 -17.21 -2.96 2.02
CA LEU A 529 -17.44 -1.91 1.04
C LEU A 529 -17.23 -2.58 -0.31
N VAL A 530 -18.11 -2.29 -1.26
CA VAL A 530 -18.04 -2.91 -2.59
C VAL A 530 -18.02 -1.92 -3.73
N VAL A 531 -17.20 -2.21 -4.75
CA VAL A 531 -17.16 -1.38 -5.94
C VAL A 531 -17.57 -2.27 -7.11
N ASP A 532 -18.83 -2.15 -7.52
CA ASP A 532 -19.35 -2.95 -8.64
C ASP A 532 -18.91 -2.25 -9.92
N ARG A 533 -18.14 -2.94 -10.76
CA ARG A 533 -17.64 -2.33 -11.99
C ARG A 533 -18.24 -2.98 -13.24
N SER A 534 -19.24 -3.82 -13.02
CA SER A 534 -19.87 -4.53 -14.13
C SER A 534 -20.44 -3.60 -15.20
N GLN A 535 -20.74 -2.35 -14.83
CA GLN A 535 -21.28 -1.39 -15.80
C GLN A 535 -20.41 -0.13 -15.92
N THR A 536 -19.20 -0.22 -15.39
CA THR A 536 -18.28 0.91 -15.43
C THR A 536 -17.89 1.36 -16.82
N SER A 537 -17.48 0.43 -17.68
CA SER A 537 -17.04 0.82 -19.02
C SER A 537 -17.81 0.31 -20.24
N ALA A 538 -18.35 1.25 -21.00
CA ALA A 538 -19.09 0.93 -22.22
C ALA A 538 -18.21 0.15 -23.19
N ALA A 539 -16.89 0.24 -23.01
CA ALA A 539 -15.95 -0.43 -23.89
C ALA A 539 -15.51 -1.82 -23.40
N ALA A 540 -15.75 -2.11 -22.13
CA ALA A 540 -15.32 -3.38 -21.56
C ALA A 540 -15.90 -4.67 -22.14
N PRO A 541 -17.18 -4.65 -22.52
CA PRO A 541 -17.77 -5.88 -23.07
C PRO A 541 -16.99 -6.53 -24.22
N THR A 542 -16.47 -5.72 -25.14
CA THR A 542 -15.72 -6.27 -26.27
C THR A 542 -14.20 -6.17 -26.12
N ASN A 543 -13.75 -5.67 -24.97
CA ASN A 543 -12.32 -5.54 -24.71
C ASN A 543 -12.08 -6.12 -23.33
N PRO A 544 -11.92 -7.45 -23.27
CA PRO A 544 -11.69 -8.15 -22.01
C PRO A 544 -10.50 -7.63 -21.20
N GLY A 545 -9.58 -6.93 -21.88
CA GLY A 545 -8.42 -6.38 -21.19
C GLY A 545 -8.86 -5.42 -20.10
N LEU A 546 -10.02 -4.81 -20.28
CA LEU A 546 -10.58 -3.88 -19.29
C LEU A 546 -11.33 -4.73 -18.27
N ASP A 547 -10.66 -5.10 -17.19
CA ASP A 547 -11.26 -5.94 -16.17
C ASP A 547 -12.45 -5.23 -15.55
N SER A 548 -13.55 -5.96 -15.36
CA SER A 548 -14.76 -5.39 -14.78
C SER A 548 -15.30 -6.16 -13.58
N PHE A 549 -14.49 -7.05 -12.99
CA PHE A 549 -14.96 -7.82 -11.85
C PHE A 549 -15.13 -6.97 -10.61
N THR A 550 -15.90 -7.48 -9.67
CA THR A 550 -16.18 -6.76 -8.44
C THR A 550 -15.01 -6.67 -7.50
N GLU A 551 -14.86 -5.51 -6.86
CA GLU A 551 -13.81 -5.27 -5.88
C GLU A 551 -14.55 -5.06 -4.57
N SER A 552 -13.93 -5.42 -3.46
CA SER A 552 -14.56 -5.24 -2.15
C SER A 552 -13.58 -5.55 -1.03
N GLY A 553 -13.83 -4.96 0.13
CA GLY A 553 -12.98 -5.18 1.29
C GLY A 553 -13.79 -5.23 2.57
N LYS A 554 -13.34 -6.02 3.54
CA LYS A 554 -14.07 -6.13 4.80
C LYS A 554 -13.88 -4.90 5.71
N LEU A 555 -15.00 -4.30 6.10
CA LEU A 555 -14.98 -3.15 7.00
C LEU A 555 -16.07 -3.32 8.04
N ARG A 556 -15.67 -3.60 9.28
CA ARG A 556 -16.67 -3.77 10.34
C ARG A 556 -16.98 -2.46 11.03
N LEU A 557 -18.27 -2.22 11.22
CA LEU A 557 -18.74 -1.02 11.90
C LEU A 557 -19.15 -1.51 13.28
N PHE A 558 -18.44 -1.07 14.31
CA PHE A 558 -18.72 -1.52 15.67
C PHE A 558 -19.84 -0.75 16.36
N ASP A 559 -20.48 -1.40 17.33
CA ASP A 559 -21.54 -0.78 18.10
C ASP A 559 -20.81 0.13 19.08
N VAL A 560 -21.22 1.38 19.16
CA VAL A 560 -20.56 2.31 20.04
C VAL A 560 -21.49 3.27 20.78
N ILE A 561 -20.89 4.11 21.63
CA ILE A 561 -21.61 5.10 22.41
C ILE A 561 -21.14 6.47 21.92
N GLU A 562 -22.01 7.16 21.20
CA GLU A 562 -21.67 8.45 20.62
C GLU A 562 -22.09 9.63 21.50
N ASN A 563 -23.38 9.94 21.51
CA ASN A 563 -23.87 11.10 22.24
C ASN A 563 -24.19 10.74 23.67
N GLY A 564 -24.14 9.45 23.97
CA GLY A 564 -24.45 8.97 25.30
C GLY A 564 -25.42 7.83 25.12
N GLN A 565 -25.55 7.41 23.86
CA GLN A 565 -26.43 6.31 23.50
C GLN A 565 -25.67 5.36 22.59
N GLU A 566 -26.21 4.16 22.39
CA GLU A 566 -25.55 3.19 21.53
C GLU A 566 -26.03 3.38 20.10
N GLN A 567 -25.18 3.04 19.14
CA GLN A 567 -25.52 3.17 17.73
C GLN A 567 -24.47 2.44 16.91
N VAL A 568 -24.81 2.14 15.66
CA VAL A 568 -23.85 1.48 14.77
C VAL A 568 -22.86 2.57 14.38
N GLU A 569 -21.58 2.30 14.51
CA GLU A 569 -20.55 3.26 14.14
C GLU A 569 -20.80 3.91 12.79
N THR A 570 -20.61 5.23 12.71
CA THR A 570 -20.83 5.94 11.45
C THR A 570 -19.85 5.50 10.36
N LEU A 571 -20.36 5.33 9.15
CA LEU A 571 -19.52 4.96 8.02
C LEU A 571 -19.03 6.27 7.44
N ASP A 572 -17.76 6.56 7.64
CA ASP A 572 -17.17 7.80 7.16
C ASP A 572 -16.40 7.51 5.86
N LEU A 573 -17.00 7.89 4.73
CA LEU A 573 -16.40 7.66 3.41
C LEU A 573 -15.72 8.87 2.78
N THR A 574 -14.67 8.57 2.03
CA THR A 574 -13.90 9.57 1.30
C THR A 574 -13.44 8.86 0.04
N VAL A 575 -14.01 9.25 -1.09
CA VAL A 575 -13.64 8.62 -2.35
C VAL A 575 -12.92 9.59 -3.27
N VAL A 576 -11.67 9.29 -3.59
CA VAL A 576 -10.93 10.15 -4.50
C VAL A 576 -10.95 9.51 -5.87
N VAL A 577 -11.48 10.25 -6.83
CA VAL A 577 -11.58 9.80 -8.21
C VAL A 577 -10.68 10.69 -9.04
N ASP A 578 -9.57 10.05 -9.40
CA ASP A 578 -8.53 10.52 -10.30
C ASP A 578 -8.74 9.78 -11.60
N ASN A 579 -9.33 10.53 -12.51
CA ASN A 579 -9.89 10.13 -13.80
C ASN A 579 -10.34 8.67 -13.75
N ALA A 580 -9.44 7.74 -14.02
CA ALA A 580 -9.79 6.32 -13.91
C ALA A 580 -9.31 5.66 -12.61
N VAL A 581 -8.41 6.33 -11.89
CA VAL A 581 -7.93 5.78 -10.63
C VAL A 581 -8.88 6.15 -9.52
N VAL A 582 -9.48 5.13 -8.89
CA VAL A 582 -10.43 5.33 -7.80
C VAL A 582 -9.94 4.76 -6.47
N GLU A 583 -9.96 5.58 -5.43
CA GLU A 583 -9.53 5.15 -4.11
C GLU A 583 -10.65 5.40 -3.10
N VAL A 584 -11.08 4.33 -2.44
CA VAL A 584 -12.16 4.40 -1.46
C VAL A 584 -11.60 4.28 -0.05
N TYR A 585 -11.72 5.36 0.72
CA TYR A 585 -11.22 5.40 2.09
C TYR A 585 -12.39 5.35 3.04
N ALA A 586 -12.21 4.68 4.18
CA ALA A 586 -13.28 4.61 5.17
C ALA A 586 -12.73 4.60 6.58
N ASN A 587 -13.34 5.42 7.43
CA ASN A 587 -12.99 5.54 8.84
C ASN A 587 -11.50 5.57 9.19
N GLY A 588 -10.74 6.32 8.40
CA GLY A 588 -9.34 6.59 8.68
C GLY A 588 -8.58 5.31 8.91
N ARG A 589 -9.25 4.19 8.60
CA ARG A 589 -8.69 2.83 8.67
C ARG A 589 -9.32 1.76 7.71
N PHE A 590 -9.38 2.09 6.43
CA PHE A 590 -9.75 1.23 5.30
C PHE A 590 -9.41 1.88 3.96
N ALA A 591 -8.95 1.06 3.01
CA ALA A 591 -8.61 1.50 1.67
C ALA A 591 -8.86 0.41 0.62
N LEU A 592 -9.58 0.79 -0.44
CA LEU A 592 -9.87 -0.12 -1.54
C LEU A 592 -9.70 0.69 -2.81
N SER A 593 -8.67 0.35 -3.59
CA SER A 593 -8.38 1.07 -4.83
C SER A 593 -8.50 0.18 -6.05
N THR A 594 -8.95 0.75 -7.16
CA THR A 594 -9.14 0.00 -8.38
C THR A 594 -9.21 0.91 -9.61
N TRP A 595 -9.28 0.33 -10.80
CA TRP A 595 -9.39 1.12 -12.04
C TRP A 595 -10.85 1.15 -12.53
N ALA A 596 -11.39 2.34 -12.70
CA ALA A 596 -12.77 2.47 -13.20
C ALA A 596 -12.66 3.17 -14.54
N ARG A 597 -12.36 2.42 -15.58
CA ARG A 597 -12.18 3.02 -16.89
C ARG A 597 -13.43 3.37 -17.69
N SER A 598 -14.17 4.36 -17.20
CA SER A 598 -15.37 4.83 -17.88
C SER A 598 -14.91 5.41 -19.21
N TRP A 599 -15.82 5.49 -20.19
CA TRP A 599 -15.49 5.97 -21.53
C TRP A 599 -16.02 7.33 -21.94
N TYR A 600 -17.32 7.51 -21.81
CA TYR A 600 -17.95 8.76 -22.22
C TYR A 600 -17.61 9.95 -21.32
N ASP A 601 -17.44 11.12 -21.93
CA ASP A 601 -17.14 12.33 -21.16
C ASP A 601 -18.36 12.69 -20.31
N ASN A 602 -19.52 12.19 -20.72
CA ASN A 602 -20.77 12.46 -20.01
C ASN A 602 -20.94 11.69 -18.71
N SER A 603 -20.15 10.61 -18.63
CA SER A 603 -20.13 9.67 -17.52
C SER A 603 -19.47 10.34 -16.33
N THR A 604 -20.28 11.14 -15.65
CA THR A 604 -19.87 11.99 -14.55
C THR A 604 -21.03 12.31 -13.61
N GLN A 605 -22.21 11.75 -13.71
CA GLN A 605 -23.27 11.89 -12.72
C GLN A 605 -22.95 11.11 -11.45
N ILE A 606 -23.42 11.66 -10.34
CA ILE A 606 -23.29 10.99 -9.06
C ILE A 606 -24.69 10.79 -8.50
N ARG A 607 -24.96 9.61 -7.97
CA ARG A 607 -26.28 9.32 -7.44
C ARG A 607 -26.23 8.64 -6.08
N PHE A 608 -27.28 8.88 -5.30
CA PHE A 608 -27.46 8.26 -3.99
C PHE A 608 -27.98 6.87 -4.34
N PHE A 609 -27.58 5.84 -3.60
CA PHE A 609 -28.05 4.48 -3.86
C PHE A 609 -28.46 3.72 -2.61
N HIS A 610 -29.65 3.12 -2.66
CA HIS A 610 -30.15 2.30 -1.56
C HIS A 610 -30.95 1.18 -2.22
N ASN A 611 -30.80 -0.04 -1.73
CA ASN A 611 -31.50 -1.16 -2.33
C ASN A 611 -32.80 -1.53 -1.62
N GLY A 612 -33.31 -0.60 -0.80
CA GLY A 612 -34.56 -0.84 -0.11
C GLY A 612 -34.50 -1.76 1.10
N GLU A 613 -33.44 -2.55 1.22
CA GLU A 613 -33.29 -3.45 2.35
C GLU A 613 -32.68 -2.68 3.52
N GLY A 614 -33.48 -2.43 4.56
CA GLY A 614 -32.96 -1.69 5.69
C GLY A 614 -33.14 -0.21 5.45
N GLU A 615 -32.50 0.60 6.27
CA GLU A 615 -32.61 2.06 6.16
C GLU A 615 -31.24 2.72 6.34
N VAL A 616 -31.00 3.80 5.58
CA VAL A 616 -29.72 4.49 5.69
C VAL A 616 -29.87 6.00 5.70
N GLN A 617 -29.06 6.66 6.54
CA GLN A 617 -29.07 8.11 6.65
C GLN A 617 -27.78 8.70 6.10
N PHE A 618 -27.91 9.53 5.07
CA PHE A 618 -26.77 10.21 4.45
C PHE A 618 -26.61 11.56 5.11
N ARG A 619 -25.42 11.81 5.65
CA ARG A 619 -25.15 13.07 6.32
C ARG A 619 -23.84 13.66 5.77
N ASN A 620 -24.01 15.04 5.61
CA ASN A 620 -22.83 15.81 5.27
C ASN A 620 -22.18 15.37 3.95
N VAL A 621 -22.85 15.21 2.95
CA VAL A 621 -22.45 14.74 1.64
C VAL A 621 -21.96 15.96 0.86
N SER A 622 -20.75 15.87 0.30
CA SER A 622 -20.21 16.98 -0.47
C SER A 622 -19.24 16.49 -1.54
N VAL A 623 -18.90 17.39 -2.45
CA VAL A 623 -18.00 17.06 -3.55
C VAL A 623 -17.06 18.20 -3.92
N SER A 624 -15.76 17.91 -3.97
CA SER A 624 -14.75 18.89 -4.36
C SER A 624 -14.27 18.50 -5.76
N GLU A 625 -14.45 19.37 -6.73
CA GLU A 625 -14.04 19.04 -8.09
C GLU A 625 -12.77 19.74 -8.58
N GLY A 626 -11.98 19.00 -9.35
CA GLY A 626 -10.75 19.56 -9.91
C GLY A 626 -9.46 18.89 -9.46
N LEU A 627 -9.36 18.63 -8.16
CA LEU A 627 -8.15 18.04 -7.58
C LEU A 627 -7.01 19.01 -7.93
N TYR A 628 -5.89 18.50 -8.42
CA TYR A 628 -4.76 19.36 -8.77
C TYR A 628 -3.71 18.62 -9.59
N ASN A 629 -2.73 19.38 -10.10
CA ASN A 629 -1.64 18.81 -10.92
C ASN A 629 -0.46 18.46 -10.03
N ALA A 630 -0.07 17.18 -10.03
CA ALA A 630 1.05 16.74 -9.20
C ALA A 630 2.39 16.90 -9.91
N TRP A 631 2.35 17.11 -11.22
CA TRP A 631 3.58 17.27 -11.99
C TRP A 631 3.58 18.59 -12.76
N PRO A 632 3.77 19.71 -12.04
CA PRO A 632 3.78 21.06 -12.63
C PRO A 632 4.84 21.26 -13.73
N GLU A 633 6.00 20.65 -13.57
CA GLU A 633 7.08 20.80 -14.55
C GLU A 633 6.97 19.99 -15.83
N ARG A 634 5.94 19.15 -15.95
CA ARG A 634 5.79 18.36 -17.17
C ARG A 634 4.94 19.11 -18.21
#